data_8XBB
#
_entry.id   8XBB
#
_cell.length_a   61.350
_cell.length_b   74.379
_cell.length_c   85.782
_cell.angle_alpha   90.00
_cell.angle_beta   90.00
_cell.angle_gamma   90.00
#
_symmetry.space_group_name_H-M   'P 21 21 21'
#
loop_
_entity.id
_entity.type
_entity.pdbx_description
1 polymer XylA
2 branched beta-D-xylopyranose-(1-3)-beta-D-xylopyranose
3 water water
#
_entity_poly.entity_id   1
_entity_poly.type   'polypeptide(L)'
_entity_poly.pdbx_seq_one_letter_code
;MLRNHKLSKVFSATAISLFLSSTAFADTTVRMMHIETDPNVLGVWEEIAKDFEAKNPDIKVNLEFLENEAFKAKLPTLLQ
SQQKPDLFYSWGGGNFQVRAESGLLEDMEGYSATLNQELSAAGMNAFKIDGKQYGAPYMVSQVGFWYNKKLFKQAGIDGE
SIQTWDEFLTAIEKLKAAGITPIAVGGADKWPMHFYWSYLAMRAGGQEAFAAAMQDQGDGFAGEAFVRAGEELKRLAALE
PFQPGFMAAGYGESAGLFGDYKAAIHLMGDWDYNFQAQQAVDKKGVVDSDLGFMNFPVLKGGAGAGSDTLGGINGFAFAK
GAKPEAAKWLEFFLNENSQTKLAEIDQIIPVAKGADKGLKNPFKQKISQTISSAQWHQVFFDQALGADVGGVVNDISVGI
VNGDVTPKEAAEQVQEAWEMRLEHHHHHH
;
_entity_poly.pdbx_strand_id   A
#
loop_
_chem_comp.id
_chem_comp.type
_chem_comp.name
_chem_comp.formula
XYP D-saccharide, beta linking beta-D-xylopyranose 'C5 H10 O5'
#
# COMPACT_ATOMS: atom_id res chain seq x y z
N THR A 28 -32.35 6.49 6.60
CA THR A 28 -31.12 7.21 6.83
C THR A 28 -30.16 6.91 5.67
N THR A 29 -29.26 7.85 5.40
CA THR A 29 -28.31 7.64 4.33
C THR A 29 -26.87 7.59 4.84
N VAL A 30 -26.15 6.54 4.47
CA VAL A 30 -24.76 6.41 4.88
C VAL A 30 -23.88 6.76 3.67
N ARG A 31 -22.87 7.61 3.90
CA ARG A 31 -21.97 8.01 2.85
C ARG A 31 -20.58 7.45 3.10
N MET A 32 -20.05 6.70 2.14
CA MET A 32 -18.70 6.11 2.27
C MET A 32 -17.79 6.63 1.19
N MET A 33 -16.72 7.31 1.60
CA MET A 33 -15.79 7.90 0.65
C MET A 33 -14.65 6.96 0.38
N HIS A 34 -14.35 6.76 -0.88
CA HIS A 34 -13.36 5.78 -1.25
C HIS A 34 -12.50 6.16 -2.44
N ILE A 35 -11.45 5.38 -2.66
CA ILE A 35 -10.54 5.64 -3.76
C ILE A 35 -10.54 4.55 -4.85
N GLU A 36 -11.57 3.73 -4.89
CA GLU A 36 -11.60 2.61 -5.82
C GLU A 36 -11.98 2.98 -7.25
N THR A 37 -11.15 2.57 -8.20
CA THR A 37 -11.40 2.87 -9.61
C THR A 37 -11.77 1.66 -10.46
N ASP A 38 -11.64 0.46 -9.92
CA ASP A 38 -11.86 -0.74 -10.73
C ASP A 38 -13.33 -1.01 -10.96
N PRO A 39 -13.73 -1.10 -12.23
CA PRO A 39 -15.14 -1.29 -12.56
C PRO A 39 -15.71 -2.60 -12.03
N ASN A 40 -14.94 -3.68 -12.09
CA ASN A 40 -15.38 -4.94 -11.53
C ASN A 40 -15.52 -4.89 -10.02
N VAL A 41 -14.57 -4.25 -9.34
CA VAL A 41 -14.69 -4.11 -7.90
C VAL A 41 -15.91 -3.25 -7.54
N LEU A 42 -16.10 -2.16 -8.27
CA LEU A 42 -17.22 -1.28 -8.00
C LEU A 42 -18.54 -1.95 -8.25
N GLY A 43 -18.56 -2.79 -9.26
CA GLY A 43 -19.78 -3.54 -9.51
C GLY A 43 -20.11 -4.47 -8.36
N VAL A 44 -19.10 -5.13 -7.80
CA VAL A 44 -19.31 -5.97 -6.64
C VAL A 44 -19.76 -5.15 -5.44
N TRP A 45 -19.13 -3.99 -5.25
CA TRP A 45 -19.51 -3.14 -4.15
C TRP A 45 -20.98 -2.72 -4.29
N GLU A 46 -21.39 -2.35 -5.50
CA GLU A 46 -22.78 -1.99 -5.75
C GLU A 46 -23.75 -3.16 -5.54
N GLU A 47 -23.33 -4.37 -5.91
CA GLU A 47 -24.14 -5.56 -5.65
C GLU A 47 -24.34 -5.76 -4.15
N ILE A 48 -23.26 -5.59 -3.38
CA ILE A 48 -23.36 -5.73 -1.94
C ILE A 48 -24.28 -4.65 -1.37
N ALA A 49 -24.13 -3.44 -1.87
CA ALA A 49 -24.98 -2.36 -1.41
C ALA A 49 -26.44 -2.60 -1.73
N LYS A 50 -26.70 -3.09 -2.91
CA LYS A 50 -28.07 -3.40 -3.26
C LYS A 50 -28.65 -4.49 -2.37
N ASP A 51 -27.86 -5.51 -2.07
CA ASP A 51 -28.32 -6.57 -1.18
C ASP A 51 -28.57 -6.07 0.23
N PHE A 52 -27.67 -5.23 0.72
CA PHE A 52 -27.85 -4.65 2.04
C PHE A 52 -29.11 -3.81 2.10
N GLU A 53 -29.37 -3.02 1.08
CA GLU A 53 -30.54 -2.17 1.07
C GLU A 53 -31.83 -2.98 1.03
N ALA A 54 -31.81 -4.11 0.36
CA ALA A 54 -32.99 -4.98 0.40
C ALA A 54 -33.27 -5.54 1.79
N LYS A 55 -32.23 -5.96 2.50
CA LYS A 55 -32.39 -6.44 3.86
C LYS A 55 -32.67 -5.32 4.84
N ASN A 56 -32.25 -4.11 4.52
CA ASN A 56 -32.42 -2.98 5.42
C ASN A 56 -33.03 -1.81 4.71
N PRO A 57 -34.35 -1.85 4.49
CA PRO A 57 -35.02 -0.79 3.74
C PRO A 57 -34.90 0.60 4.35
N ASP A 58 -34.74 0.69 5.64
CA ASP A 58 -34.56 1.96 6.30
C ASP A 58 -33.26 2.66 5.89
N ILE A 59 -32.23 1.91 5.51
CA ILE A 59 -30.93 2.49 5.22
C ILE A 59 -30.47 2.56 3.77
N LYS A 60 -30.12 3.75 3.28
CA LYS A 60 -29.53 3.94 1.95
C LYS A 60 -28.02 4.07 2.09
N VAL A 61 -27.29 3.58 1.09
CA VAL A 61 -25.82 3.63 1.07
C VAL A 61 -25.38 4.37 -0.18
N ASN A 62 -24.61 5.43 0.01
CA ASN A 62 -24.08 6.19 -1.10
C ASN A 62 -22.54 6.12 -1.08
N LEU A 63 -21.97 5.70 -2.19
CA LEU A 63 -20.53 5.59 -2.33
C LEU A 63 -19.96 6.80 -2.99
N GLU A 64 -18.99 7.43 -2.35
CA GLU A 64 -18.36 8.62 -2.91
C GLU A 64 -16.89 8.40 -3.30
N PHE A 65 -16.60 8.56 -4.58
CA PHE A 65 -15.27 8.40 -5.08
C PHE A 65 -14.43 9.63 -5.16
N LEU A 66 -13.23 9.54 -4.66
CA LEU A 66 -12.21 10.58 -4.83
C LEU A 66 -10.91 9.86 -5.17
N GLU A 67 -10.25 10.29 -6.24
CA GLU A 67 -9.00 9.63 -6.63
C GLU A 67 -7.95 9.77 -5.53
N ASN A 68 -7.16 8.71 -5.35
CA ASN A 68 -6.13 8.62 -4.30
C ASN A 68 -5.41 9.91 -3.92
N GLU A 69 -4.70 10.48 -4.89
CA GLU A 69 -3.92 11.67 -4.55
C GLU A 69 -4.84 12.83 -4.12
N ALA A 70 -5.94 13.04 -4.83
CA ALA A 70 -6.86 14.09 -4.44
C ALA A 70 -7.48 13.80 -3.08
N PHE A 71 -7.84 12.57 -2.81
CA PHE A 71 -8.39 12.21 -1.51
C PHE A 71 -7.47 12.57 -0.35
N LYS A 72 -6.23 12.15 -0.43
CA LYS A 72 -5.33 12.38 0.64
C LYS A 72 -5.17 13.90 0.86
N ALA A 73 -5.18 14.63 -0.25
CA ALA A 73 -5.01 16.08 -0.13
C ALA A 73 -6.16 16.80 0.47
N LYS A 74 -7.34 16.33 0.18
CA LYS A 74 -8.54 17.00 0.63
C LYS A 74 -9.07 16.62 1.98
N LEU A 75 -8.69 15.45 2.47
CA LEU A 75 -9.20 14.96 3.75
C LEU A 75 -9.02 15.89 4.94
N PRO A 76 -7.81 16.47 5.08
CA PRO A 76 -7.68 17.45 6.15
C PRO A 76 -8.77 18.53 6.23
N THR A 77 -9.06 19.15 5.14
CA THR A 77 -10.11 20.17 5.19
C THR A 77 -11.50 19.54 5.31
N LEU A 78 -11.71 18.37 4.69
CA LEU A 78 -13.01 17.71 4.78
C LEU A 78 -13.36 17.36 6.21
N LEU A 79 -12.39 16.88 6.98
CA LEU A 79 -12.64 16.49 8.36
C LEU A 79 -12.92 17.66 9.26
N GLN A 80 -12.61 18.86 8.78
CA GLN A 80 -12.90 20.06 9.55
C GLN A 80 -14.24 20.67 9.15
N SER A 81 -14.84 20.20 8.07
CA SER A 81 -16.10 20.74 7.60
C SER A 81 -17.28 20.22 8.41
N GLN A 82 -18.45 20.78 8.16
CA GLN A 82 -19.59 20.33 8.88
C GLN A 82 -20.35 19.28 8.13
N GLN A 83 -20.03 19.07 6.86
CA GLN A 83 -20.66 18.00 6.15
C GLN A 83 -19.55 17.03 5.84
N LYS A 84 -19.65 15.86 6.44
CA LYS A 84 -18.58 14.90 6.29
C LYS A 84 -19.21 13.57 6.00
N PRO A 85 -18.47 12.68 5.30
CA PRO A 85 -19.05 11.36 5.14
C PRO A 85 -19.02 10.61 6.45
N ASP A 86 -19.84 9.55 6.53
CA ASP A 86 -19.76 8.73 7.74
C ASP A 86 -18.44 7.96 7.78
N LEU A 87 -18.00 7.47 6.64
CA LEU A 87 -16.87 6.56 6.51
C LEU A 87 -15.93 7.08 5.42
N PHE A 88 -14.62 6.90 5.64
CA PHE A 88 -13.64 7.25 4.62
C PHE A 88 -12.47 6.28 4.67
N TYR A 89 -11.90 6.02 3.49
CA TYR A 89 -10.78 5.10 3.35
C TYR A 89 -9.60 5.54 4.22
N SER A 90 -8.94 4.57 4.82
CA SER A 90 -7.88 4.88 5.76
C SER A 90 -6.79 3.84 5.64
N TRP A 91 -5.53 4.27 5.82
CA TRP A 91 -4.40 3.37 5.89
C TRP A 91 -3.99 3.08 7.32
N GLY A 92 -4.71 3.57 8.30
CA GLY A 92 -4.21 3.49 9.65
C GLY A 92 -2.98 4.39 9.78
N GLY A 93 -2.05 3.97 10.60
CA GLY A 93 -0.80 4.67 10.57
C GLY A 93 -0.85 6.02 11.28
N GLY A 94 0.08 6.89 10.88
CA GLY A 94 0.31 8.13 11.61
C GLY A 94 -0.87 9.08 11.55
N ASN A 95 -1.47 9.27 10.38
CA ASN A 95 -2.59 10.21 10.26
C ASN A 95 -3.80 9.71 11.03
N PHE A 96 -4.01 8.41 11.02
CA PHE A 96 -5.12 7.85 11.79
C PHE A 96 -4.99 8.09 13.29
N GLN A 97 -3.80 7.89 13.79
CA GLN A 97 -3.56 8.13 15.18
C GLN A 97 -3.82 9.57 15.58
N VAL A 98 -3.31 10.50 14.79
CA VAL A 98 -3.48 11.90 15.12
C VAL A 98 -4.94 12.32 15.02
N ARG A 99 -5.63 11.83 14.00
CA ARG A 99 -7.01 12.14 13.86
C ARG A 99 -7.84 11.55 15.04
N ALA A 100 -7.54 10.34 15.46
CA ALA A 100 -8.28 9.74 16.57
C ALA A 100 -8.07 10.50 17.88
N GLU A 101 -6.83 10.84 18.16
CA GLU A 101 -6.55 11.57 19.39
C GLU A 101 -7.01 13.02 19.38
N SER A 102 -7.14 13.60 18.20
CA SER A 102 -7.56 14.98 18.07
C SER A 102 -9.08 15.23 17.97
N GLY A 103 -9.87 14.17 18.11
CA GLY A 103 -11.31 14.32 18.09
C GLY A 103 -11.95 14.36 16.73
N LEU A 104 -11.25 13.86 15.72
CA LEU A 104 -11.79 13.95 14.37
C LEU A 104 -12.55 12.69 13.93
N LEU A 105 -12.47 11.62 14.71
CA LEU A 105 -13.14 10.35 14.42
C LEU A 105 -14.20 10.07 15.47
N GLU A 106 -15.07 9.10 15.16
CA GLU A 106 -16.17 8.72 16.04
C GLU A 106 -15.92 7.34 16.62
N ASP A 107 -16.02 7.22 17.94
CA ASP A 107 -15.86 5.93 18.61
C ASP A 107 -17.11 5.09 18.41
N MET A 108 -16.98 3.99 17.69
CA MET A 108 -18.11 3.11 17.38
C MET A 108 -18.02 1.78 18.13
N GLU A 109 -17.30 1.78 19.26
CA GLU A 109 -17.13 0.56 20.05
C GLU A 109 -18.48 -0.08 20.39
N GLY A 110 -19.49 0.73 20.68
CA GLY A 110 -20.78 0.18 21.06
C GLY A 110 -21.57 -0.44 19.91
N TYR A 111 -21.08 -0.31 18.67
CA TYR A 111 -21.76 -0.87 17.52
C TYR A 111 -20.88 -1.88 16.79
N SER A 112 -19.85 -2.38 17.47
CA SER A 112 -18.81 -3.16 16.83
C SER A 112 -18.82 -4.64 17.20
N ALA A 113 -19.87 -5.13 17.88
CA ALA A 113 -19.86 -6.53 18.29
C ALA A 113 -19.80 -7.47 17.10
N THR A 114 -20.60 -7.22 16.06
CA THR A 114 -20.59 -8.12 14.91
C THR A 114 -19.32 -7.95 14.08
N LEU A 115 -18.82 -6.71 13.94
CA LEU A 115 -17.53 -6.52 13.30
C LEU A 115 -16.44 -7.34 14.00
N ASN A 116 -16.44 -7.33 15.33
CA ASN A 116 -15.42 -8.10 16.06
C ASN A 116 -15.59 -9.61 15.85
N GLN A 117 -16.83 -10.08 15.65
CA GLN A 117 -17.00 -11.52 15.42
C GLN A 117 -16.53 -11.92 14.02
N GLU A 118 -16.72 -11.04 13.04
CA GLU A 118 -16.52 -11.38 11.63
C GLU A 118 -15.08 -11.19 11.18
N LEU A 119 -14.38 -10.23 11.76
CA LEU A 119 -13.10 -9.78 11.21
C LEU A 119 -11.94 -10.19 12.11
N SER A 120 -10.77 -10.24 11.51
CA SER A 120 -9.58 -10.61 12.27
C SER A 120 -9.34 -9.61 13.40
N ALA A 121 -8.89 -10.12 14.54
CA ALA A 121 -8.64 -9.26 15.69
C ALA A 121 -7.49 -8.29 15.42
N ALA A 122 -6.43 -8.75 14.74
CA ALA A 122 -5.36 -7.84 14.38
C ALA A 122 -5.86 -6.73 13.46
N GLY A 123 -6.78 -7.06 12.55
CA GLY A 123 -7.33 -6.02 11.70
C GLY A 123 -8.16 -5.01 12.48
N MET A 124 -9.01 -5.51 13.39
CA MET A 124 -9.78 -4.58 14.21
C MET A 124 -8.87 -3.75 15.11
N ASN A 125 -7.80 -4.36 15.63
CA ASN A 125 -6.92 -3.60 16.52
C ASN A 125 -6.21 -2.48 15.77
N ALA A 126 -5.95 -2.64 14.48
CA ALA A 126 -5.31 -1.57 13.73
C ALA A 126 -6.14 -0.31 13.67
N PHE A 127 -7.46 -0.40 13.93
CA PHE A 127 -8.31 0.78 13.90
C PHE A 127 -8.89 1.07 15.28
N LYS A 128 -8.25 0.53 16.30
CA LYS A 128 -8.67 0.74 17.68
C LYS A 128 -7.56 1.44 18.47
N ILE A 129 -7.90 2.56 19.08
CA ILE A 129 -6.94 3.30 19.87
C ILE A 129 -7.54 3.58 21.23
N ASP A 130 -6.84 3.16 22.28
CA ASP A 130 -7.32 3.37 23.65
C ASP A 130 -8.67 2.77 23.98
N GLY A 131 -8.95 1.59 23.44
CA GLY A 131 -10.22 0.93 23.70
C GLY A 131 -11.36 1.48 22.88
N LYS A 132 -11.07 2.44 22.02
CA LYS A 132 -12.09 3.07 21.21
C LYS A 132 -11.98 2.59 19.76
N GLN A 133 -13.09 2.17 19.18
CA GLN A 133 -13.05 1.58 17.84
C GLN A 133 -13.40 2.66 16.82
N TYR A 134 -12.39 3.16 16.11
CA TYR A 134 -12.54 4.29 15.22
C TYR A 134 -12.61 3.91 13.75
N GLY A 135 -12.59 2.62 13.44
CA GLY A 135 -12.69 2.18 12.07
C GLY A 135 -12.73 0.68 12.04
N ALA A 136 -12.61 0.12 10.82
CA ALA A 136 -12.66 -1.33 10.65
C ALA A 136 -11.80 -1.70 9.44
N PRO A 137 -11.12 -2.84 9.49
CA PRO A 137 -10.24 -3.25 8.38
C PRO A 137 -11.00 -3.73 7.16
N TYR A 138 -10.37 -3.60 5.98
CA TYR A 138 -10.94 -4.05 4.69
C TYR A 138 -10.02 -5.05 3.95
N MET A 139 -8.72 -4.83 4.07
CA MET A 139 -7.78 -5.70 3.42
C MET A 139 -6.36 -5.60 3.94
N VAL A 140 -5.56 -6.61 3.63
CA VAL A 140 -4.15 -6.60 3.93
C VAL A 140 -3.45 -6.68 2.57
N SER A 141 -2.21 -6.24 2.52
CA SER A 141 -1.54 -6.20 1.23
C SER A 141 -0.05 -6.47 1.41
N GLN A 142 0.59 -6.87 0.31
CA GLN A 142 2.04 -6.98 0.22
C GLN A 142 2.50 -6.23 -1.01
N VAL A 143 3.56 -5.42 -0.86
CA VAL A 143 4.25 -4.82 -2.00
C VAL A 143 5.33 -5.79 -2.47
N GLY A 144 5.40 -6.03 -3.77
CA GLY A 144 6.49 -6.82 -4.29
C GLY A 144 6.67 -6.55 -5.78
N PHE A 145 7.58 -7.28 -6.39
CA PHE A 145 7.92 -7.08 -7.80
C PHE A 145 7.03 -7.95 -8.67
N TRP A 146 6.10 -7.31 -9.37
CA TRP A 146 5.43 -7.93 -10.51
C TRP A 146 6.38 -7.84 -11.70
N TYR A 147 6.49 -8.93 -12.45
CA TYR A 147 7.41 -8.87 -13.58
C TYR A 147 6.88 -9.67 -14.74
N ASN A 148 7.41 -9.35 -15.92
CA ASN A 148 6.98 -9.92 -17.18
C ASN A 148 7.95 -11.02 -17.58
N LYS A 149 7.47 -12.27 -17.55
CA LYS A 149 8.34 -13.40 -17.89
C LYS A 149 8.70 -13.42 -19.37
N LYS A 150 7.85 -12.87 -20.24
CA LYS A 150 8.18 -12.83 -21.65
C LYS A 150 9.35 -11.87 -21.91
N LEU A 151 9.34 -10.71 -21.27
CA LEU A 151 10.46 -9.78 -21.42
C LEU A 151 11.72 -10.31 -20.70
N PHE A 152 11.56 -10.98 -19.56
CA PHE A 152 12.72 -11.58 -18.89
C PHE A 152 13.38 -12.63 -19.77
N LYS A 153 12.58 -13.45 -20.48
CA LYS A 153 13.15 -14.42 -21.39
C LYS A 153 13.93 -13.74 -22.52
N GLN A 154 13.39 -12.64 -23.06
CA GLN A 154 14.10 -11.91 -24.12
C GLN A 154 15.46 -11.42 -23.63
N ALA A 155 15.52 -10.95 -22.38
CA ALA A 155 16.76 -10.48 -21.80
C ALA A 155 17.63 -11.59 -21.23
N GLY A 156 17.11 -12.81 -21.13
CA GLY A 156 17.91 -13.90 -20.62
C GLY A 156 17.99 -13.98 -19.11
N ILE A 157 16.91 -13.63 -18.41
CA ILE A 157 16.84 -13.63 -16.96
C ILE A 157 15.90 -14.74 -16.52
N ASP A 158 16.30 -15.48 -15.48
CA ASP A 158 15.42 -16.40 -14.76
C ASP A 158 14.90 -15.66 -13.53
N GLY A 159 13.66 -15.20 -13.58
CA GLY A 159 13.11 -14.44 -12.48
C GLY A 159 13.13 -15.12 -11.15
N GLU A 160 12.93 -16.41 -11.16
CA GLU A 160 12.89 -17.13 -9.91
C GLU A 160 14.26 -17.25 -9.22
N SER A 161 15.33 -16.91 -9.93
CA SER A 161 16.67 -16.98 -9.36
C SER A 161 17.12 -15.69 -8.71
N ILE A 162 16.28 -14.68 -8.74
CA ILE A 162 16.64 -13.42 -8.13
C ILE A 162 16.32 -13.42 -6.63
N GLN A 163 17.34 -13.59 -5.80
CA GLN A 163 17.16 -13.61 -4.36
C GLN A 163 17.86 -12.46 -3.65
N THR A 164 18.88 -11.86 -4.25
CA THR A 164 19.64 -10.79 -3.63
C THR A 164 19.50 -9.52 -4.45
N TRP A 165 19.78 -8.39 -3.80
CA TRP A 165 19.74 -7.10 -4.47
C TRP A 165 20.78 -7.02 -5.58
N ASP A 166 21.97 -7.58 -5.37
CA ASP A 166 22.98 -7.61 -6.44
C ASP A 166 22.48 -8.40 -7.65
N GLU A 167 21.76 -9.50 -7.42
CA GLU A 167 21.17 -10.23 -8.53
C GLU A 167 20.06 -9.44 -9.21
N PHE A 168 19.31 -8.63 -8.44
CA PHE A 168 18.29 -7.80 -9.07
C PHE A 168 18.93 -6.77 -9.98
N LEU A 169 19.99 -6.12 -9.52
CA LEU A 169 20.69 -5.14 -10.35
C LEU A 169 21.30 -5.78 -11.59
N THR A 170 21.81 -7.01 -11.46
CA THR A 170 22.31 -7.72 -12.64
C THR A 170 21.19 -7.95 -13.65
N ALA A 171 20.00 -8.31 -13.17
CA ALA A 171 18.84 -8.44 -14.06
C ALA A 171 18.50 -7.10 -14.72
N ILE A 172 18.55 -6.01 -13.96
CA ILE A 172 18.29 -4.68 -14.54
C ILE A 172 19.25 -4.40 -15.68
N GLU A 173 20.52 -4.71 -15.49
CA GLU A 173 21.49 -4.45 -16.54
C GLU A 173 21.25 -5.31 -17.76
N LYS A 174 20.77 -6.55 -17.58
CA LYS A 174 20.47 -7.38 -18.74
C LYS A 174 19.27 -6.84 -19.51
N LEU A 175 18.26 -6.34 -18.79
CA LEU A 175 17.14 -5.70 -19.47
C LEU A 175 17.59 -4.45 -20.20
N LYS A 176 18.42 -3.62 -19.56
CA LYS A 176 18.97 -2.44 -20.23
C LYS A 176 19.68 -2.83 -21.52
N ALA A 177 20.59 -3.80 -21.44
CA ALA A 177 21.36 -4.20 -22.61
C ALA A 177 20.46 -4.77 -23.70
N ALA A 178 19.34 -5.38 -23.32
CA ALA A 178 18.41 -5.92 -24.30
C ALA A 178 17.54 -4.87 -24.96
N GLY A 179 17.62 -3.61 -24.51
CA GLY A 179 16.80 -2.55 -25.07
C GLY A 179 15.40 -2.47 -24.51
N ILE A 180 15.13 -3.17 -23.42
CA ILE A 180 13.82 -3.19 -22.77
C ILE A 180 13.86 -2.21 -21.61
N THR A 181 12.80 -1.43 -21.43
CA THR A 181 12.70 -0.56 -20.25
C THR A 181 12.59 -1.43 -19.01
N PRO A 182 13.53 -1.37 -18.06
CA PRO A 182 13.48 -2.34 -16.97
C PRO A 182 12.30 -2.14 -16.03
N ILE A 183 12.02 -0.91 -15.63
CA ILE A 183 11.10 -0.66 -14.53
C ILE A 183 10.12 0.44 -14.90
N ALA A 184 8.84 0.20 -14.59
CA ALA A 184 7.83 1.24 -14.60
C ALA A 184 7.67 1.78 -13.17
N VAL A 185 7.73 3.11 -13.02
CA VAL A 185 7.48 3.75 -11.74
C VAL A 185 6.72 5.04 -11.96
N GLY A 186 5.73 5.31 -11.10
CA GLY A 186 5.00 6.55 -11.19
C GLY A 186 5.64 7.66 -10.37
N GLY A 187 6.71 8.24 -10.91
CA GLY A 187 7.50 9.19 -10.14
C GLY A 187 6.73 10.44 -9.76
N ALA A 188 5.75 10.85 -10.57
CA ALA A 188 4.97 12.05 -10.26
C ALA A 188 4.24 11.92 -8.93
N ASP A 189 3.78 10.72 -8.59
CA ASP A 189 3.06 10.48 -7.35
C ASP A 189 3.96 10.20 -6.17
N LYS A 190 5.26 9.96 -6.42
CA LYS A 190 6.34 9.80 -5.45
C LYS A 190 6.24 8.53 -4.62
N TRP A 191 5.07 8.20 -4.06
CA TRP A 191 5.01 7.02 -3.22
C TRP A 191 5.41 5.72 -3.93
N PRO A 192 5.25 5.58 -5.26
CA PRO A 192 5.74 4.31 -5.80
C PRO A 192 7.26 4.18 -5.70
N MET A 193 7.93 5.30 -5.78
CA MET A 193 9.35 5.28 -5.67
C MET A 193 9.81 5.04 -4.23
N HIS A 194 9.00 5.50 -3.31
CA HIS A 194 9.34 5.29 -1.92
C HIS A 194 9.31 3.85 -1.48
N PHE A 195 8.63 3.04 -2.26
CA PHE A 195 8.62 1.63 -1.95
C PHE A 195 10.05 1.06 -2.04
N TYR A 196 10.86 1.61 -2.94
CA TYR A 196 12.21 1.12 -3.05
C TYR A 196 13.06 1.51 -1.83
N TRP A 197 13.01 2.80 -1.49
CA TRP A 197 13.82 3.27 -0.37
C TRP A 197 13.40 2.53 0.90
N SER A 198 12.11 2.39 1.08
CA SER A 198 11.56 1.73 2.25
C SER A 198 12.02 0.27 2.39
N TYR A 199 11.85 -0.47 1.32
CA TYR A 199 12.27 -1.85 1.38
C TYR A 199 13.77 -1.99 1.57
N LEU A 200 14.53 -1.12 0.96
CA LEU A 200 15.95 -1.16 1.16
C LEU A 200 16.36 -0.89 2.59
N ALA A 201 15.68 0.03 3.24
CA ALA A 201 15.94 0.26 4.64
C ALA A 201 15.48 -0.92 5.50
N MET A 202 14.35 -1.51 5.14
CA MET A 202 13.92 -2.71 5.87
C MET A 202 14.96 -3.81 5.75
N ARG A 203 15.49 -4.01 4.55
CA ARG A 203 16.44 -5.10 4.36
C ARG A 203 17.79 -4.78 4.97
N ALA A 204 18.17 -3.50 4.96
CA ALA A 204 19.46 -3.12 5.53
C ALA A 204 19.45 -3.22 7.05
N GLY A 205 18.41 -2.70 7.70
CA GLY A 205 18.42 -2.58 9.14
C GLY A 205 17.55 -3.54 9.93
N GLY A 206 16.57 -4.16 9.28
CA GLY A 206 15.67 -5.06 9.98
C GLY A 206 14.68 -4.31 10.86
N GLN A 207 13.81 -5.06 11.53
CA GLN A 207 12.78 -4.45 12.38
C GLN A 207 13.34 -3.65 13.51
N GLU A 208 14.49 -4.09 14.00
CA GLU A 208 15.12 -3.43 15.11
C GLU A 208 15.52 -1.99 14.80
N ALA A 209 16.06 -1.75 13.64
CA ALA A 209 16.45 -0.42 13.26
C ALA A 209 15.28 0.53 13.08
N PHE A 210 14.20 0.01 12.50
CA PHE A 210 13.03 0.82 12.30
C PHE A 210 12.37 1.15 13.63
N ALA A 211 12.28 0.15 14.51
CA ALA A 211 11.70 0.42 15.82
C ALA A 211 12.49 1.49 16.56
N ALA A 212 13.83 1.42 16.52
CA ALA A 212 14.64 2.44 17.18
C ALA A 212 14.46 3.79 16.51
N ALA A 213 14.33 3.82 15.21
CA ALA A 213 14.11 5.07 14.54
C ALA A 213 12.78 5.74 14.90
N MET A 214 11.75 4.94 15.06
CA MET A 214 10.48 5.48 15.46
C MET A 214 10.53 6.06 16.85
N GLN A 215 11.30 5.44 17.72
CA GLN A 215 11.51 6.01 19.05
C GLN A 215 12.57 7.11 19.07
N ASP A 216 13.16 7.43 17.93
CA ASP A 216 14.23 8.42 17.88
C ASP A 216 15.39 8.08 18.80
N GLN A 217 15.69 6.80 18.87
CA GLN A 217 16.79 6.34 19.68
C GLN A 217 18.03 6.30 18.83
N GLY A 218 19.16 6.59 19.42
CA GLY A 218 20.39 6.65 18.67
C GLY A 218 20.38 7.65 17.57
N ASP A 219 20.83 7.21 16.40
CA ASP A 219 20.85 8.10 15.26
C ASP A 219 19.52 8.11 14.54
N GLY A 220 18.62 7.26 14.97
CA GLY A 220 17.29 7.23 14.39
C GLY A 220 17.23 7.00 12.90
N PHE A 221 16.39 7.77 12.25
CA PHE A 221 16.25 7.63 10.82
C PHE A 221 17.49 8.12 10.08
N ALA A 222 18.44 8.71 10.79
CA ALA A 222 19.69 9.10 10.13
C ALA A 222 20.72 8.02 10.29
N GLY A 223 20.29 6.89 10.80
CA GLY A 223 21.17 5.78 10.99
C GLY A 223 21.67 5.08 9.74
N GLU A 224 22.65 4.20 9.90
CA GLU A 224 23.30 3.56 8.77
C GLU A 224 22.37 2.80 7.83
N ALA A 225 21.35 2.16 8.38
CA ALA A 225 20.40 1.44 7.55
C ALA A 225 19.68 2.34 6.58
N PHE A 226 19.35 3.54 7.02
CA PHE A 226 18.62 4.46 6.18
C PHE A 226 19.54 5.17 5.21
N VAL A 227 20.79 5.39 5.61
CA VAL A 227 21.76 5.90 4.63
C VAL A 227 22.04 4.84 3.58
N ARG A 228 22.18 3.59 4.00
CA ARG A 228 22.40 2.49 3.05
C ARG A 228 21.25 2.36 2.07
N ALA A 229 20.01 2.49 2.56
CA ALA A 229 18.87 2.50 1.66
C ALA A 229 19.04 3.52 0.56
N GLY A 230 19.45 4.74 0.92
CA GLY A 230 19.67 5.75 -0.10
C GLY A 230 20.80 5.39 -1.05
N GLU A 231 21.92 4.88 -0.50
CA GLU A 231 23.04 4.47 -1.33
C GLU A 231 22.63 3.41 -2.35
N GLU A 232 21.84 2.42 -1.92
CA GLU A 232 21.44 1.38 -2.87
C GLU A 232 20.42 1.89 -3.87
N LEU A 233 19.53 2.79 -3.46
CA LEU A 233 18.62 3.40 -4.41
C LEU A 233 19.37 4.20 -5.46
N LYS A 234 20.41 4.93 -5.04
CA LYS A 234 21.25 5.68 -5.97
C LYS A 234 21.93 4.74 -6.95
N ARG A 235 22.37 3.59 -6.48
CA ARG A 235 23.01 2.59 -7.34
C ARG A 235 22.03 2.08 -8.41
N LEU A 236 20.79 1.81 -8.03
CA LEU A 236 19.77 1.44 -9.02
C LEU A 236 19.54 2.57 -10.01
N ALA A 237 19.42 3.81 -9.52
CA ALA A 237 19.14 4.94 -10.40
C ALA A 237 20.25 5.17 -11.41
N ALA A 238 21.46 4.85 -11.10
CA ALA A 238 22.58 5.09 -12.02
C ALA A 238 22.53 4.20 -13.26
N LEU A 239 21.76 3.15 -13.17
CA LEU A 239 21.56 2.29 -14.31
C LEU A 239 20.49 2.81 -15.25
N GLU A 240 19.89 3.93 -14.91
CA GLU A 240 18.82 4.50 -15.67
C GLU A 240 17.74 3.48 -16.00
N PRO A 241 17.12 2.95 -14.95
CA PRO A 241 16.20 1.85 -15.22
C PRO A 241 14.72 2.19 -15.43
N PHE A 242 14.39 3.44 -15.24
CA PHE A 242 12.99 3.79 -15.27
C PHE A 242 12.58 4.29 -16.65
N GLN A 243 11.29 4.24 -16.92
CA GLN A 243 10.79 4.63 -18.23
C GLN A 243 11.07 6.10 -18.51
N PRO A 244 11.25 6.46 -19.77
CA PRO A 244 11.39 7.89 -20.12
C PRO A 244 10.23 8.71 -19.57
N GLY A 245 10.57 9.81 -18.90
CA GLY A 245 9.55 10.67 -18.33
C GLY A 245 8.91 10.16 -17.06
N PHE A 246 9.58 9.28 -16.32
CA PHE A 246 8.97 8.69 -15.13
C PHE A 246 8.62 9.74 -14.09
N MET A 247 9.30 10.88 -14.06
CA MET A 247 8.99 11.89 -13.06
C MET A 247 7.70 12.65 -13.36
N ALA A 248 7.18 12.55 -14.59
CA ALA A 248 5.88 13.11 -14.93
C ALA A 248 4.78 12.06 -14.94
N ALA A 249 5.12 10.81 -14.67
CA ALA A 249 4.17 9.70 -14.75
C ALA A 249 3.54 9.44 -13.39
N GLY A 250 2.21 9.37 -13.36
CA GLY A 250 1.50 8.91 -12.18
C GLY A 250 1.39 7.39 -12.16
N TYR A 251 0.81 6.89 -11.07
CA TYR A 251 0.61 5.45 -10.91
C TYR A 251 -0.15 4.84 -12.08
N GLY A 252 -1.23 5.49 -12.54
CA GLY A 252 -2.01 4.92 -13.63
C GLY A 252 -1.22 4.75 -14.91
N GLU A 253 -0.43 5.76 -15.28
CA GLU A 253 0.37 5.65 -16.49
C GLU A 253 1.45 4.59 -16.36
N SER A 254 2.05 4.48 -15.17
CA SER A 254 3.11 3.50 -14.94
C SER A 254 2.56 2.08 -14.99
N ALA A 255 1.41 1.83 -14.37
CA ALA A 255 0.79 0.51 -14.45
C ALA A 255 0.37 0.17 -15.87
N GLY A 256 -0.08 1.18 -16.63
CA GLY A 256 -0.44 0.93 -18.02
C GLY A 256 0.75 0.54 -18.86
N LEU A 257 1.92 1.13 -18.59
CA LEU A 257 3.12 0.76 -19.31
C LEU A 257 3.50 -0.69 -19.04
N PHE A 258 3.40 -1.13 -17.79
CA PHE A 258 3.60 -2.53 -17.47
C PHE A 258 2.57 -3.40 -18.18
N GLY A 259 1.28 -3.02 -18.11
CA GLY A 259 0.24 -3.83 -18.73
C GLY A 259 0.37 -3.92 -20.25
N ASP A 260 0.98 -2.91 -20.86
CA ASP A 260 1.20 -2.85 -22.30
C ASP A 260 2.49 -3.53 -22.74
N TYR A 261 3.16 -4.26 -21.86
CA TYR A 261 4.38 -4.99 -22.20
C TYR A 261 5.53 -4.05 -22.57
N LYS A 262 5.50 -2.83 -22.04
CA LYS A 262 6.47 -1.79 -22.36
C LYS A 262 7.44 -1.54 -21.22
N ALA A 263 7.35 -2.33 -20.15
CA ALA A 263 8.29 -2.26 -19.03
C ALA A 263 8.26 -3.61 -18.36
N ALA A 264 9.40 -4.07 -17.87
CA ALA A 264 9.51 -5.45 -17.43
C ALA A 264 9.14 -5.69 -15.97
N ILE A 265 9.20 -4.66 -15.11
CA ILE A 265 9.14 -4.82 -13.67
C ILE A 265 8.31 -3.70 -13.08
N HIS A 266 7.48 -4.03 -12.08
CA HIS A 266 6.63 -3.04 -11.42
C HIS A 266 6.57 -3.36 -9.93
N LEU A 267 7.13 -2.48 -9.08
CA LEU A 267 7.13 -2.69 -7.63
C LEU A 267 5.85 -2.09 -7.08
N MET A 268 4.93 -2.96 -6.62
CA MET A 268 3.59 -2.45 -6.31
C MET A 268 2.89 -3.43 -5.39
N GLY A 269 1.88 -2.92 -4.68
CA GLY A 269 1.02 -3.79 -3.88
C GLY A 269 0.30 -4.82 -4.74
N ASP A 270 -0.30 -5.80 -4.06
CA ASP A 270 -0.88 -6.91 -4.80
C ASP A 270 -2.14 -6.50 -5.56
N TRP A 271 -2.73 -5.35 -5.23
CA TRP A 271 -3.82 -4.77 -6.00
C TRP A 271 -3.43 -4.48 -7.45
N ASP A 272 -2.13 -4.48 -7.77
CA ASP A 272 -1.68 -4.19 -9.12
C ASP A 272 -2.15 -5.25 -10.11
N TYR A 273 -2.48 -6.44 -9.64
CA TYR A 273 -2.83 -7.53 -10.55
C TYR A 273 -4.00 -7.13 -11.45
N ASN A 274 -5.07 -6.57 -10.86
CA ASN A 274 -6.18 -6.10 -11.66
C ASN A 274 -5.93 -4.73 -12.29
N PHE A 275 -5.12 -3.87 -11.63
CA PHE A 275 -4.93 -2.51 -12.11
C PHE A 275 -4.15 -2.47 -13.41
N GLN A 276 -3.06 -3.23 -13.51
CA GLN A 276 -2.28 -3.21 -14.76
C GLN A 276 -3.14 -3.71 -15.92
N ALA A 277 -4.09 -4.62 -15.64
CA ALA A 277 -5.00 -5.05 -16.69
C ALA A 277 -5.95 -3.93 -17.07
N GLN A 278 -6.52 -3.23 -16.08
CA GLN A 278 -7.44 -2.14 -16.38
C GLN A 278 -6.76 -1.01 -17.13
N GLN A 279 -5.49 -0.75 -16.82
CA GLN A 279 -4.76 0.35 -17.46
C GLN A 279 -4.16 -0.05 -18.79
N ALA A 280 -4.02 -1.34 -19.06
CA ALA A 280 -3.50 -1.79 -20.33
C ALA A 280 -4.48 -1.42 -21.43
N VAL A 281 -3.93 -1.08 -22.60
CA VAL A 281 -4.76 -0.80 -23.76
C VAL A 281 -5.75 -1.94 -23.99
N ASP A 282 -5.24 -3.19 -24.07
CA ASP A 282 -6.10 -4.32 -24.40
C ASP A 282 -7.01 -4.78 -23.22
N LYS A 283 -7.01 -4.11 -22.08
CA LYS A 283 -7.85 -4.43 -20.92
C LYS A 283 -7.56 -5.82 -20.36
N LYS A 284 -6.44 -6.41 -20.74
CA LYS A 284 -6.00 -7.69 -20.21
C LYS A 284 -4.65 -7.58 -19.53
N GLY A 285 -3.73 -6.78 -20.10
CA GLY A 285 -2.44 -6.63 -19.46
C GLY A 285 -1.59 -7.88 -19.59
N VAL A 286 -0.66 -8.04 -18.64
CA VAL A 286 0.24 -9.17 -18.62
C VAL A 286 -0.55 -10.38 -18.14
N VAL A 287 -0.82 -11.32 -19.04
CA VAL A 287 -1.68 -12.46 -18.73
C VAL A 287 -0.94 -13.44 -17.84
N ASP A 288 -1.68 -14.36 -17.22
CA ASP A 288 -1.11 -15.19 -16.16
C ASP A 288 0.12 -15.95 -16.63
N SER A 289 0.10 -16.48 -17.86
CA SER A 289 1.24 -17.27 -18.32
C SER A 289 2.48 -16.41 -18.57
N ASP A 290 2.35 -15.09 -18.65
CA ASP A 290 3.49 -14.20 -18.83
C ASP A 290 3.87 -13.46 -17.56
N LEU A 291 3.17 -13.71 -16.46
CA LEU A 291 3.28 -12.87 -15.27
C LEU A 291 4.00 -13.60 -14.15
N GLY A 292 4.89 -12.89 -13.46
CA GLY A 292 5.51 -13.41 -12.27
C GLY A 292 5.40 -12.40 -11.14
N PHE A 293 5.61 -12.89 -9.93
CA PHE A 293 5.70 -12.04 -8.74
C PHE A 293 6.83 -12.56 -7.88
N MET A 294 7.66 -11.64 -7.37
CA MET A 294 8.73 -12.05 -6.48
C MET A 294 8.83 -11.07 -5.32
N ASN A 295 9.23 -11.60 -4.17
CA ASN A 295 9.46 -10.79 -2.99
C ASN A 295 10.64 -9.84 -3.24
N PHE A 296 10.66 -8.74 -2.49
CA PHE A 296 11.83 -7.88 -2.50
C PHE A 296 13.03 -8.67 -2.00
N PRO A 297 14.17 -8.61 -2.68
CA PRO A 297 15.30 -9.47 -2.33
C PRO A 297 15.96 -9.05 -1.03
N VAL A 298 16.90 -9.90 -0.58
CA VAL A 298 17.73 -9.58 0.57
C VAL A 298 18.93 -8.74 0.14
N LEU A 299 19.56 -8.10 1.11
CA LEU A 299 20.67 -7.19 0.88
C LEU A 299 21.90 -7.70 1.58
N LYS A 300 23.03 -7.77 0.87
CA LYS A 300 24.25 -8.26 1.50
C LYS A 300 24.65 -7.32 2.64
N GLY A 301 25.04 -7.91 3.76
CA GLY A 301 25.34 -7.10 4.93
C GLY A 301 24.12 -6.46 5.54
N GLY A 302 22.94 -6.97 5.25
CA GLY A 302 21.71 -6.43 5.80
C GLY A 302 21.17 -7.31 6.90
N ALA A 303 20.50 -6.66 7.86
CA ALA A 303 19.94 -7.32 9.03
C ALA A 303 18.51 -7.79 8.83
N GLY A 304 17.88 -7.44 7.69
CA GLY A 304 16.50 -7.82 7.46
C GLY A 304 16.37 -9.17 6.79
N ALA A 305 15.19 -9.77 6.93
CA ALA A 305 14.91 -11.07 6.36
C ALA A 305 14.11 -10.92 5.08
N GLY A 306 14.34 -11.83 4.14
CA GLY A 306 13.63 -11.81 2.88
C GLY A 306 12.13 -11.99 3.03
N SER A 307 11.68 -12.55 4.15
CA SER A 307 10.26 -12.76 4.37
C SER A 307 9.56 -11.58 5.04
N ASP A 308 10.30 -10.54 5.45
CA ASP A 308 9.66 -9.33 5.94
C ASP A 308 8.91 -8.64 4.80
N THR A 309 7.68 -8.20 5.06
CA THR A 309 6.85 -7.63 4.01
C THR A 309 6.57 -6.17 4.30
N LEU A 310 6.54 -5.38 3.23
CA LEU A 310 5.99 -4.03 3.27
C LEU A 310 4.57 -4.11 2.74
N GLY A 311 3.64 -3.44 3.42
CA GLY A 311 2.26 -3.51 3.00
C GLY A 311 1.43 -2.74 3.99
N GLY A 312 0.37 -3.32 4.49
CA GLY A 312 -0.37 -2.66 5.54
C GLY A 312 -1.73 -3.30 5.73
N ILE A 313 -2.54 -2.62 6.55
CA ILE A 313 -3.90 -3.03 6.81
C ILE A 313 -4.73 -1.80 6.51
N ASN A 314 -5.43 -1.79 5.38
CA ASN A 314 -6.25 -0.68 4.96
C ASN A 314 -7.68 -0.93 5.43
N GLY A 315 -8.42 0.14 5.65
CA GLY A 315 -9.78 0.00 6.14
C GLY A 315 -10.58 1.25 5.89
N PHE A 316 -11.67 1.40 6.66
CA PHE A 316 -12.47 2.60 6.65
C PHE A 316 -12.59 3.13 8.05
N ALA A 317 -12.36 4.44 8.19
CA ALA A 317 -12.46 5.15 9.45
C ALA A 317 -13.83 5.83 9.54
N PHE A 318 -14.31 5.97 10.77
CA PHE A 318 -15.53 6.72 11.06
C PHE A 318 -15.21 8.18 11.36
N ALA A 319 -15.69 9.10 10.53
CA ALA A 319 -15.52 10.51 10.86
C ALA A 319 -16.40 10.89 12.04
N LYS A 320 -15.95 11.89 12.81
CA LYS A 320 -16.77 12.43 13.88
C LYS A 320 -18.16 12.76 13.37
N GLY A 321 -19.17 12.34 14.12
CA GLY A 321 -20.55 12.52 13.72
C GLY A 321 -21.16 11.37 12.94
N ALA A 322 -20.38 10.34 12.60
CA ALA A 322 -20.92 9.20 11.86
C ALA A 322 -22.12 8.61 12.57
N LYS A 323 -23.07 8.21 11.81
CA LYS A 323 -24.28 7.64 12.38
C LYS A 323 -24.12 6.13 12.60
N PRO A 324 -24.85 5.59 13.58
CA PRO A 324 -24.76 4.14 13.84
C PRO A 324 -25.08 3.27 12.65
N GLU A 325 -25.94 3.73 11.75
CA GLU A 325 -26.23 2.97 10.54
C GLU A 325 -24.98 2.72 9.71
N ALA A 326 -23.97 3.58 9.81
CA ALA A 326 -22.74 3.35 9.05
C ALA A 326 -22.03 2.09 9.52
N ALA A 327 -22.12 1.79 10.82
CA ALA A 327 -21.58 0.54 11.35
C ALA A 327 -22.39 -0.65 10.85
N LYS A 328 -23.70 -0.49 10.75
CA LYS A 328 -24.53 -1.56 10.20
C LYS A 328 -24.14 -1.86 8.76
N TRP A 329 -23.93 -0.81 7.97
CA TRP A 329 -23.46 -1.02 6.60
C TRP A 329 -22.12 -1.73 6.60
N LEU A 330 -21.17 -1.23 7.41
CA LEU A 330 -19.83 -1.80 7.41
C LEU A 330 -19.82 -3.27 7.82
N GLU A 331 -20.66 -3.63 8.80
CA GLU A 331 -20.83 -5.03 9.20
C GLU A 331 -21.11 -5.93 8.00
N PHE A 332 -21.98 -5.47 7.11
CA PHE A 332 -22.39 -6.28 5.96
C PHE A 332 -21.37 -6.20 4.84
N PHE A 333 -20.87 -5.00 4.57
CA PHE A 333 -19.91 -4.79 3.50
C PHE A 333 -18.63 -5.60 3.75
N LEU A 334 -18.25 -5.79 5.01
CA LEU A 334 -17.03 -6.49 5.37
C LEU A 334 -17.28 -7.93 5.82
N ASN A 335 -18.49 -8.46 5.61
CA ASN A 335 -18.76 -9.80 6.12
C ASN A 335 -18.09 -10.85 5.22
N GLU A 336 -18.22 -12.11 5.63
CA GLU A 336 -17.51 -13.18 4.95
C GLU A 336 -17.89 -13.28 3.48
N ASN A 337 -19.19 -13.19 3.16
CA ASN A 337 -19.62 -13.36 1.76
C ASN A 337 -19.09 -12.23 0.89
N SER A 338 -19.20 -10.98 1.39
CA SER A 338 -18.70 -9.83 0.65
C SER A 338 -17.20 -9.94 0.42
N GLN A 339 -16.45 -10.28 1.47
CA GLN A 339 -15.00 -10.38 1.35
C GLN A 339 -14.57 -11.56 0.49
N THR A 340 -15.33 -12.65 0.52
CA THR A 340 -15.04 -13.77 -0.35
C THR A 340 -15.15 -13.38 -1.82
N LYS A 341 -16.20 -12.61 -2.16
CA LYS A 341 -16.35 -12.13 -3.54
C LYS A 341 -15.15 -11.29 -3.96
N LEU A 342 -14.69 -10.40 -3.09
CA LEU A 342 -13.61 -9.51 -3.47
C LEU A 342 -12.28 -10.24 -3.57
N ALA A 343 -12.11 -11.35 -2.85
CA ALA A 343 -10.94 -12.21 -3.03
C ALA A 343 -11.04 -13.03 -4.31
N GLU A 344 -12.26 -13.45 -4.68
CA GLU A 344 -12.46 -14.27 -5.87
C GLU A 344 -12.31 -13.47 -7.16
N ILE A 345 -12.45 -12.15 -7.12
CA ILE A 345 -12.15 -11.35 -8.31
C ILE A 345 -10.71 -10.87 -8.25
N ASP A 346 -9.92 -11.48 -7.38
CA ASP A 346 -8.47 -11.29 -7.27
C ASP A 346 -8.09 -9.89 -6.82
N GLN A 347 -8.95 -9.21 -6.10
CA GLN A 347 -8.59 -7.86 -5.73
C GLN A 347 -7.92 -7.75 -4.37
N ILE A 348 -8.60 -8.25 -3.37
CA ILE A 348 -8.06 -8.16 -2.05
C ILE A 348 -7.62 -9.39 -1.36
N ILE A 349 -6.68 -9.26 -0.44
CA ILE A 349 -6.39 -10.31 0.50
C ILE A 349 -7.28 -9.93 1.69
N PRO A 350 -8.26 -10.76 1.98
CA PRO A 350 -9.24 -10.40 2.96
C PRO A 350 -8.93 -10.40 4.44
N VAL A 351 -9.77 -9.69 5.20
CA VAL A 351 -9.63 -9.69 6.65
C VAL A 351 -10.78 -10.39 7.34
N ALA A 352 -11.89 -10.66 6.66
CA ALA A 352 -12.98 -11.40 7.29
C ALA A 352 -12.61 -12.87 7.48
N LYS A 353 -12.92 -13.40 8.67
CA LYS A 353 -12.62 -14.81 8.95
C LYS A 353 -13.33 -15.72 7.95
N GLY A 354 -12.59 -16.67 7.39
CA GLY A 354 -13.13 -17.61 6.44
C GLY A 354 -13.10 -17.14 5.00
N ALA A 355 -12.97 -15.84 4.76
CA ALA A 355 -12.93 -15.36 3.39
C ALA A 355 -11.66 -15.74 2.66
N ASP A 356 -10.63 -16.22 3.35
CA ASP A 356 -9.45 -16.74 2.65
C ASP A 356 -9.77 -17.90 1.72
N LYS A 357 -10.95 -18.53 1.85
CA LYS A 357 -11.36 -19.56 0.90
C LYS A 357 -11.46 -19.00 -0.51
N GLY A 358 -11.69 -17.68 -0.64
CA GLY A 358 -11.73 -17.02 -1.93
C GLY A 358 -10.40 -16.79 -2.60
N LEU A 359 -9.30 -17.13 -1.96
CA LEU A 359 -7.97 -16.91 -2.53
C LEU A 359 -7.54 -18.09 -3.40
N LYS A 360 -8.32 -18.32 -4.45
CA LYS A 360 -8.03 -19.43 -5.37
C LYS A 360 -6.90 -19.09 -6.34
N ASN A 361 -6.80 -17.84 -6.75
CA ASN A 361 -5.79 -17.44 -7.72
C ASN A 361 -4.40 -17.70 -7.18
N PRO A 362 -3.52 -18.40 -7.92
CA PRO A 362 -2.22 -18.79 -7.35
C PRO A 362 -1.35 -17.61 -6.93
N PHE A 363 -1.40 -16.50 -7.67
CA PHE A 363 -0.62 -15.34 -7.28
C PHE A 363 -1.05 -14.82 -5.93
N LYS A 364 -2.37 -14.69 -5.74
CA LYS A 364 -2.91 -14.15 -4.50
C LYS A 364 -2.80 -15.13 -3.34
N GLN A 365 -2.99 -16.43 -3.60
CA GLN A 365 -2.78 -17.42 -2.56
C GLN A 365 -1.36 -17.36 -2.01
N LYS A 366 -0.36 -17.32 -2.89
CA LYS A 366 1.02 -17.32 -2.42
C LYS A 366 1.33 -16.03 -1.66
N ILE A 367 0.83 -14.90 -2.14
CA ILE A 367 1.05 -13.63 -1.46
C ILE A 367 0.41 -13.66 -0.08
N SER A 368 -0.80 -14.22 0.01
CA SER A 368 -1.48 -14.30 1.30
C SER A 368 -0.68 -15.15 2.29
N GLN A 369 0.04 -16.17 1.80
CA GLN A 369 0.83 -16.99 2.70
C GLN A 369 2.08 -16.24 3.18
N THR A 370 2.66 -15.43 2.31
CA THR A 370 3.80 -14.61 2.72
C THR A 370 3.41 -13.62 3.79
N ILE A 371 2.25 -12.97 3.63
CA ILE A 371 1.75 -12.03 4.63
C ILE A 371 1.54 -12.73 5.97
N SER A 372 0.98 -13.94 5.94
CA SER A 372 0.70 -14.67 7.17
C SER A 372 1.99 -15.12 7.87
N SER A 373 3.03 -15.41 7.12
CA SER A 373 4.27 -15.94 7.70
C SER A 373 5.27 -14.89 8.07
N ALA A 374 4.99 -13.66 7.70
CA ALA A 374 5.91 -12.59 7.98
C ALA A 374 6.06 -12.28 9.44
N GLN A 375 7.28 -12.23 9.93
CA GLN A 375 7.52 -11.84 11.30
C GLN A 375 7.43 -10.34 11.38
N TRP A 376 7.91 -9.65 10.35
CA TRP A 376 7.73 -8.22 10.31
C TRP A 376 6.85 -7.86 9.13
N HIS A 377 5.72 -7.26 9.43
CA HIS A 377 4.86 -6.77 8.38
C HIS A 377 4.78 -5.29 8.67
N GLN A 378 5.35 -4.49 7.80
CA GLN A 378 5.45 -3.06 8.03
C GLN A 378 4.52 -2.23 7.18
N VAL A 379 3.80 -1.33 7.82
CA VAL A 379 2.96 -0.43 7.07
C VAL A 379 3.77 0.54 6.23
N PHE A 380 3.29 0.82 5.02
CA PHE A 380 3.92 1.79 4.13
C PHE A 380 4.53 2.92 4.92
N PHE A 381 5.79 3.22 4.67
CA PHE A 381 6.46 4.22 5.48
C PHE A 381 5.73 5.57 5.42
N ASP A 382 5.25 5.97 4.24
CA ASP A 382 4.66 7.30 4.18
C ASP A 382 3.37 7.35 4.98
N GLN A 383 2.67 6.22 5.10
CA GLN A 383 1.48 6.19 5.94
C GLN A 383 1.81 6.00 7.41
N ALA A 384 2.86 5.21 7.71
CA ALA A 384 3.30 5.00 9.08
C ALA A 384 3.72 6.32 9.72
N LEU A 385 4.42 7.17 8.98
CA LEU A 385 5.02 8.37 9.56
C LEU A 385 4.12 9.61 9.49
N GLY A 386 2.96 9.53 8.84
CA GLY A 386 2.05 10.66 8.77
C GLY A 386 2.31 11.54 7.55
N ALA A 387 1.41 12.50 7.35
CA ALA A 387 1.43 13.30 6.13
C ALA A 387 2.72 14.10 6.00
N ASP A 388 3.22 14.64 7.10
CA ASP A 388 4.39 15.51 7.10
C ASP A 388 5.65 14.69 6.85
N VAL A 389 6.01 13.83 7.80
CA VAL A 389 7.26 13.09 7.67
C VAL A 389 7.18 12.08 6.53
N GLY A 390 6.02 11.45 6.35
CA GLY A 390 5.82 10.60 5.20
C GLY A 390 6.01 11.33 3.89
N GLY A 391 5.58 12.60 3.84
CA GLY A 391 5.81 13.40 2.64
C GLY A 391 7.29 13.64 2.43
N VAL A 392 8.05 13.80 3.51
CA VAL A 392 9.51 13.90 3.40
C VAL A 392 10.09 12.64 2.79
N VAL A 393 9.66 11.46 3.27
CA VAL A 393 10.19 10.20 2.72
C VAL A 393 9.89 10.10 1.23
N ASN A 394 8.67 10.47 0.83
CA ASN A 394 8.32 10.46 -0.59
C ASN A 394 9.20 11.41 -1.39
N ASP A 395 9.43 12.62 -0.85
CA ASP A 395 10.26 13.59 -1.54
C ASP A 395 11.70 13.10 -1.69
N ILE A 396 12.29 12.56 -0.62
CA ILE A 396 13.71 12.20 -0.76
C ILE A 396 13.88 10.94 -1.58
N SER A 397 12.83 10.14 -1.75
CA SER A 397 12.94 8.98 -2.62
C SER A 397 13.18 9.41 -4.07
N VAL A 398 12.33 10.30 -4.59
CA VAL A 398 12.59 10.79 -5.94
C VAL A 398 13.80 11.72 -5.95
N GLY A 399 14.06 12.42 -4.85
CA GLY A 399 15.21 13.31 -4.80
C GLY A 399 16.53 12.58 -4.94
N ILE A 400 16.67 11.43 -4.25
CA ILE A 400 17.89 10.65 -4.36
C ILE A 400 18.08 10.20 -5.80
N VAL A 401 17.00 9.68 -6.42
CA VAL A 401 17.07 9.18 -7.79
C VAL A 401 17.47 10.29 -8.76
N ASN A 402 16.96 11.50 -8.55
CA ASN A 402 17.28 12.61 -9.43
C ASN A 402 18.61 13.30 -9.12
N GLY A 403 19.31 12.89 -8.07
CA GLY A 403 20.58 13.51 -7.73
C GLY A 403 20.46 14.79 -6.93
N ASP A 404 19.26 15.14 -6.47
CA ASP A 404 19.08 16.39 -5.75
C ASP A 404 19.64 16.32 -4.35
N VAL A 405 19.63 15.15 -3.74
CA VAL A 405 20.00 15.00 -2.35
C VAL A 405 20.82 13.72 -2.21
N THR A 406 21.85 13.78 -1.37
CA THR A 406 22.65 12.60 -1.10
C THR A 406 21.90 11.67 -0.15
N PRO A 407 22.28 10.39 -0.13
CA PRO A 407 21.67 9.47 0.84
C PRO A 407 21.81 9.92 2.29
N LYS A 408 22.96 10.45 2.68
CA LYS A 408 23.14 10.91 4.05
C LYS A 408 22.23 12.10 4.35
N GLU A 409 22.18 13.08 3.44
CA GLU A 409 21.33 14.25 3.63
C GLU A 409 19.85 13.84 3.69
N ALA A 410 19.44 12.87 2.87
CA ALA A 410 18.04 12.47 2.84
C ALA A 410 17.61 11.82 4.16
N ALA A 411 18.47 10.95 4.70
CA ALA A 411 18.17 10.31 5.97
C ALA A 411 18.12 11.33 7.11
N GLU A 412 19.02 12.32 7.11
CA GLU A 412 18.96 13.35 8.13
C GLU A 412 17.67 14.15 8.04
N GLN A 413 17.17 14.40 6.82
CA GLN A 413 15.90 15.10 6.67
C GLN A 413 14.77 14.33 7.32
N VAL A 414 14.75 13.01 7.13
CA VAL A 414 13.67 12.22 7.73
C VAL A 414 13.77 12.26 9.25
N GLN A 415 14.98 12.05 9.79
CA GLN A 415 15.14 12.06 11.24
C GLN A 415 14.74 13.40 11.84
N GLU A 416 15.13 14.49 11.19
CA GLU A 416 14.87 15.82 11.73
C GLU A 416 13.38 16.13 11.72
N ALA A 417 12.67 15.75 10.66
CA ALA A 417 11.24 15.99 10.63
C ALA A 417 10.52 15.11 11.65
N TRP A 418 10.99 13.87 11.82
CA TRP A 418 10.38 12.97 12.78
C TRP A 418 10.60 13.46 14.21
N GLU A 419 11.80 13.95 14.52
CA GLU A 419 12.05 14.46 15.86
C GLU A 419 11.12 15.62 16.19
N MET A 420 10.87 16.50 15.21
CA MET A 420 9.96 17.63 15.46
C MET A 420 8.50 17.21 15.55
N ARG A 421 8.09 16.19 14.79
CA ARG A 421 6.74 15.68 14.98
C ARG A 421 6.56 15.14 16.39
N LEU A 422 7.57 14.43 16.90
CA LEU A 422 7.49 13.91 18.26
C LEU A 422 7.41 15.04 19.26
N GLU A 423 8.16 16.12 19.03
CA GLU A 423 8.18 17.23 19.98
C GLU A 423 6.85 17.95 20.03
N HIS A 424 6.21 18.13 18.88
CA HIS A 424 5.05 19.01 18.79
C HIS A 424 3.74 18.28 18.97
N HIS A 425 3.80 17.00 19.28
CA HIS A 425 2.60 16.25 19.60
C HIS A 425 2.72 15.68 21.03
O1 XYP B . -5.40 1.99 -5.41
C1 XYP B . -4.49 1.60 -4.36
C2 XYP B . -3.94 2.88 -3.73
C3 XYP B . -3.07 2.56 -2.54
C4 XYP B . -3.85 1.64 -1.60
C5 XYP B . -4.34 0.40 -2.34
O2 XYP B . -3.13 3.53 -4.71
O3 XYP B . -2.78 3.72 -1.88
O4 XYP B . -3.02 1.22 -0.51
O5 XYP B . -5.19 0.84 -3.39
C1 XYP B . -1.37 3.95 -1.68
C2 XYP B . -1.17 5.26 -0.93
C3 XYP B . 0.32 5.46 -0.63
C4 XYP B . 0.87 4.23 0.07
C5 XYP B . 0.54 2.94 -0.70
O2 XYP B . -1.62 6.34 -1.72
O3 XYP B . 0.49 6.64 0.17
O4 XYP B . 2.28 4.33 0.19
O5 XYP B . -0.86 2.85 -0.92
#